data_8HUL
#
_entry.id   8HUL
#
_cell.length_a   39.166
_cell.length_b   94.948
_cell.length_c   96.932
_cell.angle_alpha   90.000
_cell.angle_beta   97.780
_cell.angle_gamma   90.000
#
_symmetry.space_group_name_H-M   'P 1 21 1'
#
loop_
_entity.id
_entity.type
_entity.pdbx_description
1 polymer 'Peroxisome proliferator-activated receptor delta'
2 non-polymer '4-[1-(1,3-benzothiazol-6-ylsulfonyl)-5-chloro-indol-2-yl]butanoic acid'
#
_entity_poly.entity_id   1
_entity_poly.type   'polypeptide(L)'
_entity_poly.pdbx_seq_one_letter_code
;GSHMPQVADLKAFSKHIYNAYLKNFNMTKKKARSILTGKASHTAPFVIHDIETLWQAEKGLVWKQLVNGLPPYKEISVHV
FYRCQCTTVETVRELTEFAKSIPSFSSLFLNDQVTLLKYGVHEAIFAMLASIVNKDGLLVANGSGFVTREFLRSLRKPFS
DIIEPKFEFAVKFNALELDDSDLALFIAAIILCGDRPGLMNVPRVEAIQDTILRALEFHLQANHPDAQYLFPKLLQKMAD
LRQLVTEHAQMMQRIKKTETETSLHPLLQEIYKDMY
;
_entity_poly.pdbx_strand_id   A,B
#
loop_
_chem_comp.id
_chem_comp.type
_chem_comp.name
_chem_comp.formula
BJB non-polymer '4-[1-(1,3-benzothiazol-6-ylsulfonyl)-5-chloro-indol-2-yl]butanoic acid' 'C19 H15 Cl N2 O4 S2'
#
# COMPACT_ATOMS: atom_id res chain seq x y z
N ASP A 9 -8.34 0.94 -27.80
CA ASP A 9 -7.86 1.68 -26.65
C ASP A 9 -8.87 1.64 -25.51
N LEU A 10 -9.96 2.39 -25.66
CA LEU A 10 -11.00 2.36 -24.65
C LEU A 10 -11.68 1.01 -24.55
N LYS A 11 -11.62 0.21 -25.62
CA LYS A 11 -12.10 -1.16 -25.55
C LYS A 11 -11.08 -2.05 -24.85
N ALA A 12 -9.80 -1.92 -25.23
CA ALA A 12 -8.75 -2.63 -24.51
C ALA A 12 -8.73 -2.25 -23.03
N PHE A 13 -9.11 -1.02 -22.70
CA PHE A 13 -9.21 -0.62 -21.31
C PHE A 13 -10.33 -1.37 -20.61
N SER A 14 -11.51 -1.44 -21.22
CA SER A 14 -12.62 -2.17 -20.62
C SER A 14 -12.34 -3.66 -20.54
N LYS A 15 -11.62 -4.21 -21.51
CA LYS A 15 -11.31 -5.63 -21.48
C LYS A 15 -10.28 -5.94 -20.39
N HIS A 16 -9.29 -5.07 -20.21
CA HIS A 16 -8.29 -5.29 -19.18
C HIS A 16 -8.93 -5.24 -17.79
N ILE A 17 -9.85 -4.29 -17.57
CA ILE A 17 -10.52 -4.21 -16.28
C ILE A 17 -11.43 -5.41 -16.06
N TYR A 18 -12.17 -5.81 -17.10
CA TYR A 18 -13.08 -6.94 -16.94
C TYR A 18 -12.31 -8.23 -16.61
N ASN A 19 -11.15 -8.42 -17.24
CA ASN A 19 -10.35 -9.60 -16.94
C ASN A 19 -9.84 -9.57 -15.50
N ALA A 20 -9.42 -8.39 -15.03
CA ALA A 20 -9.00 -8.27 -13.63
C ALA A 20 -10.15 -8.57 -12.68
N TYR A 21 -11.37 -8.18 -13.06
CA TYR A 21 -12.55 -8.50 -12.28
C TYR A 21 -12.76 -10.02 -12.21
N LEU A 22 -12.80 -10.67 -13.37
CA LEU A 22 -12.97 -12.12 -13.39
C LEU A 22 -11.86 -12.83 -12.65
N LYS A 23 -10.64 -12.29 -12.73
CA LYS A 23 -9.47 -12.98 -12.21
C LYS A 23 -9.34 -12.85 -10.69
N ASN A 24 -10.06 -11.93 -10.05
CA ASN A 24 -9.85 -11.64 -8.64
C ASN A 24 -11.06 -11.89 -7.76
N PHE A 25 -12.23 -12.12 -8.32
CA PHE A 25 -13.45 -12.31 -7.53
C PHE A 25 -13.98 -13.72 -7.72
N ASN A 26 -14.21 -14.42 -6.61
CA ASN A 26 -14.67 -15.80 -6.68
C ASN A 26 -16.14 -15.88 -7.10
N MET A 27 -16.96 -14.97 -6.60
CA MET A 27 -18.39 -14.97 -6.87
C MET A 27 -18.73 -13.82 -7.81
N THR A 28 -19.08 -14.16 -9.04
CA THR A 28 -19.56 -13.19 -10.02
C THR A 28 -21.08 -13.15 -10.02
N LYS A 29 -21.62 -12.04 -10.53
CA LYS A 29 -23.08 -11.95 -10.63
C LYS A 29 -23.63 -13.03 -11.55
N LYS A 30 -22.86 -13.43 -12.57
CA LYS A 30 -23.28 -14.53 -13.43
C LYS A 30 -23.51 -15.80 -12.62
N LYS A 31 -22.50 -16.23 -11.87
N LYS A 31 -22.50 -16.23 -11.87
CA LYS A 31 -22.63 -17.43 -11.05
CA LYS A 31 -22.64 -17.43 -11.05
C LYS A 31 -23.76 -17.27 -10.03
C LYS A 31 -23.75 -17.28 -10.02
N ALA A 32 -23.80 -16.12 -9.34
CA ALA A 32 -24.81 -15.91 -8.32
C ALA A 32 -26.23 -16.01 -8.90
N ARG A 33 -26.43 -15.49 -10.11
CA ARG A 33 -27.76 -15.55 -10.71
C ARG A 33 -28.13 -16.97 -11.11
N SER A 34 -27.14 -17.79 -11.47
CA SER A 34 -27.42 -19.21 -11.73
C SER A 34 -27.98 -19.88 -10.49
N ILE A 35 -27.36 -19.65 -9.33
CA ILE A 35 -27.81 -20.29 -8.10
C ILE A 35 -29.15 -19.72 -7.64
N LEU A 36 -29.31 -18.40 -7.74
CA LEU A 36 -30.53 -17.78 -7.24
C LEU A 36 -31.76 -18.15 -8.05
N THR A 37 -31.59 -18.55 -9.32
CA THR A 37 -32.72 -18.89 -10.16
C THR A 37 -32.97 -20.39 -10.26
N GLY A 38 -31.94 -21.22 -10.19
CA GLY A 38 -32.11 -22.65 -10.30
C GLY A 38 -31.72 -23.21 -11.65
N LYS A 39 -30.43 -23.51 -11.83
CA LYS A 39 -29.94 -24.04 -13.10
C LYS A 39 -29.32 -25.42 -12.91
N ALA A 44 -29.00 -26.77 -5.23
CA ALA A 44 -29.56 -25.54 -4.69
C ALA A 44 -28.94 -25.23 -3.32
N PRO A 45 -28.96 -23.95 -2.94
CA PRO A 45 -28.34 -23.55 -1.68
C PRO A 45 -29.19 -23.94 -0.48
N PHE A 46 -28.53 -24.35 0.59
CA PHE A 46 -29.23 -24.62 1.84
C PHE A 46 -29.74 -23.33 2.44
N VAL A 47 -31.00 -23.33 2.88
CA VAL A 47 -31.66 -22.13 3.37
C VAL A 47 -31.45 -22.02 4.87
N ILE A 48 -30.83 -20.93 5.31
CA ILE A 48 -30.64 -20.63 6.71
C ILE A 48 -31.69 -19.60 7.11
N HIS A 49 -32.68 -20.03 7.90
CA HIS A 49 -33.80 -19.16 8.24
C HIS A 49 -34.11 -19.11 9.73
N ASP A 50 -33.43 -19.91 10.56
CA ASP A 50 -33.65 -19.89 12.00
C ASP A 50 -32.45 -20.54 12.67
N ILE A 51 -32.44 -20.51 14.01
CA ILE A 51 -31.34 -21.09 14.77
C ILE A 51 -31.09 -22.53 14.33
N GLU A 52 -32.15 -23.31 14.18
CA GLU A 52 -32.00 -24.72 13.83
C GLU A 52 -31.20 -24.89 12.54
N THR A 53 -31.63 -24.22 11.46
CA THR A 53 -30.95 -24.39 10.18
C THR A 53 -29.58 -23.73 10.17
N LEU A 54 -29.42 -22.64 10.92
CA LEU A 54 -28.10 -22.02 11.03
C LEU A 54 -27.09 -23.01 11.60
N TRP A 55 -27.46 -23.71 12.66
CA TRP A 55 -26.55 -24.68 13.27
C TRP A 55 -26.24 -25.82 12.30
N GLN A 56 -27.23 -26.25 11.53
CA GLN A 56 -27.01 -27.32 10.56
C GLN A 56 -26.07 -26.87 9.44
N ALA A 57 -26.12 -25.59 9.06
CA ALA A 57 -25.19 -25.09 8.06
C ALA A 57 -23.76 -25.08 8.58
N GLU A 58 -23.57 -24.83 9.88
CA GLU A 58 -22.23 -24.77 10.44
C GLU A 58 -21.59 -26.15 10.55
N LYS A 59 -22.40 -27.20 10.73
CA LYS A 59 -21.86 -28.53 10.96
C LYS A 59 -21.06 -29.02 9.75
N GLY A 60 -21.56 -28.77 8.54
CA GLY A 60 -20.85 -29.20 7.36
C GLY A 60 -21.56 -28.89 6.06
N LEU A 61 -22.88 -28.72 6.12
CA LEU A 61 -23.64 -28.45 4.91
C LEU A 61 -23.22 -27.16 4.23
N VAL A 62 -22.63 -26.22 4.97
CA VAL A 62 -22.25 -24.93 4.41
C VAL A 62 -20.83 -24.58 4.83
N TRP A 63 -20.54 -24.69 6.12
CA TRP A 63 -19.21 -24.39 6.63
C TRP A 63 -18.63 -25.59 7.38
N LEU A 70 -12.62 -17.93 13.23
CA LEU A 70 -13.55 -17.04 13.91
C LEU A 70 -13.16 -16.85 15.37
N PRO A 71 -13.43 -15.66 15.91
CA PRO A 71 -13.21 -15.42 17.35
C PRO A 71 -14.14 -16.30 18.18
N PRO A 72 -13.89 -16.39 19.49
CA PRO A 72 -14.69 -17.29 20.33
C PRO A 72 -16.18 -17.00 20.19
N TYR A 73 -16.98 -18.06 20.24
CA TYR A 73 -18.43 -17.92 20.17
C TYR A 73 -18.93 -17.02 21.30
N LYS A 74 -20.04 -16.34 21.05
CA LYS A 74 -20.65 -15.46 22.04
C LYS A 74 -22.15 -15.65 22.07
N GLU A 75 -22.79 -15.45 20.92
CA GLU A 75 -24.23 -15.63 20.79
C GLU A 75 -24.58 -15.72 19.32
N ILE A 76 -25.84 -15.98 19.02
CA ILE A 76 -26.26 -16.23 17.65
C ILE A 76 -26.06 -14.98 16.80
N SER A 77 -26.50 -13.83 17.29
CA SER A 77 -26.37 -12.59 16.52
C SER A 77 -24.89 -12.28 16.26
N VAL A 78 -24.06 -12.35 17.30
CA VAL A 78 -22.65 -12.05 17.12
C VAL A 78 -22.00 -13.06 16.18
N HIS A 79 -22.45 -14.31 16.20
CA HIS A 79 -21.91 -15.31 15.29
C HIS A 79 -22.19 -14.94 13.84
N VAL A 80 -23.41 -14.50 13.55
CA VAL A 80 -23.73 -14.01 12.21
C VAL A 80 -22.84 -12.83 11.86
N PHE A 81 -22.64 -11.92 12.82
CA PHE A 81 -21.74 -10.80 12.60
C PHE A 81 -20.34 -11.27 12.23
N TYR A 82 -19.82 -12.25 12.97
CA TYR A 82 -18.47 -12.73 12.68
C TYR A 82 -18.38 -13.33 11.29
N ARG A 83 -19.44 -14.01 10.83
CA ARG A 83 -19.39 -14.60 9.50
C ARG A 83 -19.44 -13.52 8.42
N CYS A 84 -20.31 -12.52 8.60
CA CYS A 84 -20.32 -11.41 7.65
C CYS A 84 -19.01 -10.65 7.69
N GLN A 85 -18.45 -10.45 8.89
CA GLN A 85 -17.19 -9.72 9.02
C GLN A 85 -16.07 -10.43 8.26
N CYS A 86 -16.02 -11.77 8.33
CA CYS A 86 -14.97 -12.49 7.63
C CYS A 86 -15.13 -12.37 6.12
N THR A 87 -16.36 -12.45 5.62
CA THR A 87 -16.57 -12.31 4.19
C THR A 87 -16.11 -10.95 3.68
N THR A 88 -16.52 -9.88 4.36
CA THR A 88 -16.15 -8.54 3.93
C THR A 88 -14.63 -8.36 3.96
N VAL A 89 -13.97 -8.88 4.99
CA VAL A 89 -12.51 -8.83 5.03
C VAL A 89 -11.92 -9.54 3.81
N GLU A 90 -12.49 -10.68 3.44
CA GLU A 90 -12.03 -11.37 2.23
C GLU A 90 -12.31 -10.55 0.98
N THR A 91 -13.49 -9.93 0.91
CA THR A 91 -13.78 -9.06 -0.22
C THR A 91 -12.82 -7.88 -0.28
N VAL A 92 -12.38 -7.39 0.89
CA VAL A 92 -11.39 -6.32 0.91
C VAL A 92 -10.09 -6.79 0.28
N ARG A 93 -9.70 -8.03 0.55
CA ARG A 93 -8.49 -8.58 -0.06
C ARG A 93 -8.63 -8.67 -1.58
N GLU A 94 -9.77 -9.17 -2.05
CA GLU A 94 -9.97 -9.29 -3.49
C GLU A 94 -9.97 -7.91 -4.15
N LEU A 95 -10.67 -6.94 -3.55
CA LEU A 95 -10.69 -5.60 -4.12
C LEU A 95 -9.30 -4.99 -4.16
N THR A 96 -8.47 -5.27 -3.15
CA THR A 96 -7.11 -4.75 -3.17
C THR A 96 -6.32 -5.33 -4.34
N GLU A 97 -6.49 -6.62 -4.63
CA GLU A 97 -5.82 -7.21 -5.78
C GLU A 97 -6.42 -6.72 -7.08
N PHE A 98 -7.74 -6.49 -7.11
CA PHE A 98 -8.38 -5.91 -8.28
C PHE A 98 -7.80 -4.54 -8.59
N ALA A 99 -7.76 -3.66 -7.57
CA ALA A 99 -7.21 -2.32 -7.78
C ALA A 99 -5.76 -2.38 -8.26
N LYS A 100 -4.95 -3.24 -7.63
CA LYS A 100 -3.55 -3.36 -8.03
C LYS A 100 -3.42 -3.85 -9.47
N SER A 101 -4.32 -4.73 -9.90
CA SER A 101 -4.25 -5.23 -11.27
C SER A 101 -4.51 -4.16 -12.31
N ILE A 102 -4.94 -2.96 -11.90
CA ILE A 102 -5.09 -1.83 -12.81
C ILE A 102 -3.73 -1.13 -12.89
N PRO A 103 -3.03 -1.21 -14.02
CA PRO A 103 -1.68 -0.61 -14.09
C PRO A 103 -1.64 0.85 -13.65
N SER A 104 -2.64 1.65 -14.04
CA SER A 104 -2.65 3.05 -13.63
C SER A 104 -2.73 3.19 -12.11
N PHE A 105 -3.55 2.38 -11.46
CA PHE A 105 -3.65 2.44 -10.01
C PHE A 105 -2.33 2.07 -9.34
N SER A 106 -1.69 1.01 -9.82
CA SER A 106 -0.45 0.55 -9.21
C SER A 106 0.67 1.58 -9.35
N SER A 107 0.52 2.56 -10.25
CA SER A 107 1.54 3.59 -10.41
C SER A 107 1.45 4.65 -9.33
N LEU A 108 0.32 4.79 -8.66
CA LEU A 108 0.19 5.71 -7.54
C LEU A 108 1.08 5.29 -6.39
N PHE A 109 1.45 6.24 -5.55
CA PHE A 109 2.23 5.92 -4.37
C PHE A 109 1.43 5.04 -3.44
N LEU A 110 2.12 4.09 -2.79
CA LEU A 110 1.41 3.10 -1.98
C LEU A 110 0.50 3.74 -0.96
N ASN A 111 0.88 4.90 -0.41
CA ASN A 111 0.02 5.56 0.56
C ASN A 111 -1.26 6.08 -0.09
N ASP A 112 -1.16 6.63 -1.31
CA ASP A 112 -2.37 7.02 -2.03
C ASP A 112 -3.23 5.80 -2.36
N GLN A 113 -2.60 4.69 -2.75
CA GLN A 113 -3.34 3.45 -2.94
C GLN A 113 -4.14 3.10 -1.70
N VAL A 114 -3.51 3.19 -0.52
CA VAL A 114 -4.18 2.84 0.72
C VAL A 114 -5.33 3.80 1.01
N THR A 115 -5.20 5.05 0.61
CA THR A 115 -6.27 6.02 0.83
C THR A 115 -7.49 5.70 -0.02
N LEU A 116 -7.28 5.37 -1.31
CA LEU A 116 -8.39 5.01 -2.17
C LEU A 116 -9.13 3.78 -1.66
N LEU A 117 -8.40 2.75 -1.25
CA LEU A 117 -9.04 1.55 -0.73
C LEU A 117 -9.77 1.84 0.59
N LYS A 118 -9.14 2.61 1.48
CA LYS A 118 -9.74 2.91 2.77
C LYS A 118 -11.17 3.44 2.61
N TYR A 119 -11.33 4.45 1.76
CA TYR A 119 -12.62 5.11 1.58
C TYR A 119 -13.45 4.49 0.44
N GLY A 120 -12.96 3.45 -0.20
CA GLY A 120 -13.64 2.94 -1.39
C GLY A 120 -14.16 1.52 -1.31
N VAL A 121 -13.56 0.70 -0.44
CA VAL A 121 -13.89 -0.73 -0.44
C VAL A 121 -15.35 -0.95 -0.08
N HIS A 122 -15.81 -0.33 1.00
CA HIS A 122 -17.19 -0.55 1.44
C HIS A 122 -18.18 -0.13 0.36
N GLU A 123 -17.88 0.93 -0.39
CA GLU A 123 -18.75 1.30 -1.50
C GLU A 123 -18.79 0.19 -2.54
N ALA A 124 -17.62 -0.31 -2.94
CA ALA A 124 -17.58 -1.40 -3.90
C ALA A 124 -18.23 -2.66 -3.32
N ILE A 125 -17.94 -2.96 -2.05
CA ILE A 125 -18.51 -4.16 -1.42
C ILE A 125 -20.03 -4.12 -1.49
N PHE A 126 -20.62 -2.98 -1.13
CA PHE A 126 -22.08 -2.89 -1.13
C PHE A 126 -22.64 -2.94 -2.54
N ALA A 127 -21.91 -2.43 -3.53
CA ALA A 127 -22.37 -2.52 -4.91
C ALA A 127 -22.34 -3.97 -5.38
N MET A 128 -21.28 -4.71 -5.05
CA MET A 128 -21.21 -6.12 -5.40
C MET A 128 -22.13 -6.98 -4.54
N LEU A 129 -22.46 -6.51 -3.33
CA LEU A 129 -23.41 -7.27 -2.50
C LEU A 129 -24.74 -7.47 -3.21
N ALA A 130 -25.13 -6.51 -4.06
CA ALA A 130 -26.37 -6.65 -4.80
C ALA A 130 -26.35 -7.81 -5.78
N SER A 131 -25.15 -8.30 -6.14
CA SER A 131 -25.06 -9.42 -7.07
C SER A 131 -25.51 -10.72 -6.43
N ILE A 132 -25.33 -10.88 -5.12
CA ILE A 132 -25.65 -12.11 -4.42
C ILE A 132 -26.93 -11.95 -3.57
N VAL A 133 -27.76 -10.96 -3.89
CA VAL A 133 -28.89 -10.61 -3.06
C VAL A 133 -30.15 -10.49 -3.91
N ASN A 134 -31.25 -11.00 -3.39
CA ASN A 134 -32.60 -10.70 -3.86
C ASN A 134 -33.43 -10.19 -2.69
N LYS A 135 -34.70 -9.90 -2.94
CA LYS A 135 -35.55 -9.30 -1.93
C LYS A 135 -35.80 -10.20 -0.73
N ASP A 136 -35.38 -11.47 -0.77
CA ASP A 136 -35.67 -12.40 0.30
C ASP A 136 -34.44 -12.85 1.08
N GLY A 137 -33.23 -12.61 0.58
CA GLY A 137 -32.04 -13.03 1.30
C GLY A 137 -30.80 -12.87 0.42
N LEU A 138 -29.71 -13.46 0.88
CA LEU A 138 -28.44 -13.39 0.16
C LEU A 138 -27.73 -14.74 0.23
N LEU A 139 -26.82 -14.94 -0.72
CA LEU A 139 -25.98 -16.13 -0.73
C LEU A 139 -24.85 -16.01 0.28
N VAL A 140 -24.47 -17.16 0.83
CA VAL A 140 -23.35 -17.27 1.75
C VAL A 140 -22.55 -18.50 1.38
N ALA A 141 -21.26 -18.47 1.72
CA ALA A 141 -20.33 -19.56 1.52
C ALA A 141 -20.38 -20.04 0.07
N ASN A 142 -19.75 -19.21 -0.78
CA ASN A 142 -19.60 -19.47 -2.21
C ASN A 142 -20.91 -19.89 -2.85
N GLY A 143 -22.02 -19.41 -2.29
CA GLY A 143 -23.34 -19.72 -2.81
C GLY A 143 -23.95 -21.01 -2.33
N SER A 144 -23.21 -21.83 -1.57
CA SER A 144 -23.78 -23.09 -1.07
C SER A 144 -24.86 -22.88 -0.02
N GLY A 145 -24.99 -21.67 0.51
CA GLY A 145 -26.02 -21.37 1.47
C GLY A 145 -26.77 -20.10 1.10
N PHE A 146 -27.95 -19.95 1.69
CA PHE A 146 -28.80 -18.79 1.46
C PHE A 146 -29.48 -18.42 2.77
N VAL A 147 -29.18 -17.22 3.26
CA VAL A 147 -29.73 -16.72 4.52
C VAL A 147 -30.90 -15.81 4.20
N THR A 148 -32.02 -16.03 4.86
CA THR A 148 -33.24 -15.28 4.56
C THR A 148 -33.21 -13.90 5.21
N ARG A 149 -33.77 -12.93 4.49
CA ARG A 149 -33.90 -11.58 5.03
C ARG A 149 -34.71 -11.57 6.32
N GLU A 150 -35.68 -12.48 6.44
CA GLU A 150 -36.43 -12.61 7.69
C GLU A 150 -35.51 -12.90 8.86
N PHE A 151 -34.64 -13.91 8.71
CA PHE A 151 -33.75 -14.29 9.80
C PHE A 151 -32.88 -13.13 10.25
N LEU A 152 -32.20 -12.47 9.31
CA LEU A 152 -31.38 -11.30 9.67
C LEU A 152 -32.21 -10.27 10.41
N ARG A 153 -33.43 -10.02 9.95
CA ARG A 153 -34.31 -9.06 10.61
C ARG A 153 -34.59 -9.46 12.05
N SER A 154 -34.67 -10.77 12.32
CA SER A 154 -35.04 -11.27 13.64
C SER A 154 -33.89 -11.33 14.63
N LEU A 155 -32.69 -10.91 14.23
CA LEU A 155 -31.57 -10.96 15.14
C LEU A 155 -31.66 -9.83 16.17
N ARG A 156 -30.84 -9.94 17.21
CA ARG A 156 -30.88 -8.98 18.31
C ARG A 156 -30.26 -7.66 17.89
N LYS A 157 -30.95 -6.55 18.19
CA LYS A 157 -30.40 -5.24 17.87
C LYS A 157 -29.05 -5.08 18.56
N PRO A 158 -28.13 -4.32 17.94
CA PRO A 158 -28.32 -3.57 16.69
C PRO A 158 -27.94 -4.36 15.45
N PHE A 159 -27.66 -5.65 15.61
CA PHE A 159 -27.19 -6.44 14.47
C PHE A 159 -28.25 -6.57 13.39
N SER A 160 -29.53 -6.52 13.76
CA SER A 160 -30.59 -6.60 12.77
C SER A 160 -30.73 -5.33 11.94
N ASP A 161 -30.14 -4.22 12.38
CA ASP A 161 -30.25 -2.95 11.68
C ASP A 161 -29.13 -2.72 10.66
N ILE A 162 -28.14 -3.61 10.61
CA ILE A 162 -26.98 -3.40 9.74
C ILE A 162 -27.33 -3.66 8.28
N ILE A 163 -27.98 -4.80 8.02
CA ILE A 163 -28.09 -5.31 6.66
C ILE A 163 -29.30 -4.73 5.91
N GLU A 164 -30.36 -4.33 6.61
CA GLU A 164 -31.58 -3.93 5.93
C GLU A 164 -31.36 -2.79 4.93
N PRO A 165 -30.63 -1.73 5.27
CA PRO A 165 -30.40 -0.68 4.26
C PRO A 165 -29.67 -1.17 3.02
N LYS A 166 -28.83 -2.20 3.17
CA LYS A 166 -28.15 -2.75 2.00
C LYS A 166 -29.13 -3.44 1.05
N PHE A 167 -30.10 -4.17 1.60
CA PHE A 167 -31.11 -4.80 0.76
C PHE A 167 -31.87 -3.77 -0.06
N GLU A 168 -32.31 -2.69 0.60
CA GLU A 168 -33.10 -1.67 -0.10
C GLU A 168 -32.31 -1.06 -1.25
N PHE A 169 -31.03 -0.80 -1.03
CA PHE A 169 -30.17 -0.36 -2.14
C PHE A 169 -30.05 -1.45 -3.19
N ALA A 170 -29.73 -2.68 -2.77
CA ALA A 170 -29.48 -3.75 -3.73
C ALA A 170 -30.71 -3.99 -4.62
N VAL A 171 -31.91 -3.96 -4.05
CA VAL A 171 -33.10 -4.23 -4.84
C VAL A 171 -33.26 -3.20 -5.95
N LYS A 172 -33.01 -1.93 -5.63
CA LYS A 172 -33.08 -0.89 -6.66
C LYS A 172 -31.89 -0.96 -7.61
N PHE A 173 -30.72 -1.33 -7.10
CA PHE A 173 -29.53 -1.39 -7.96
C PHE A 173 -29.65 -2.51 -8.99
N ASN A 174 -30.22 -3.64 -8.60
CA ASN A 174 -30.38 -4.75 -9.53
C ASN A 174 -31.43 -4.48 -10.58
N ALA A 175 -32.33 -3.52 -10.34
CA ALA A 175 -33.28 -3.12 -11.36
C ALA A 175 -32.59 -2.65 -12.62
N LEU A 176 -31.40 -2.06 -12.48
CA LEU A 176 -30.61 -1.64 -13.63
C LEU A 176 -30.15 -2.83 -14.47
N GLU A 177 -30.04 -4.02 -13.88
CA GLU A 177 -29.73 -5.24 -14.62
C GLU A 177 -28.35 -5.17 -15.27
N LEU A 178 -27.37 -4.66 -14.52
CA LEU A 178 -25.99 -4.71 -15.00
C LEU A 178 -25.47 -6.13 -15.02
N ASP A 179 -24.40 -6.34 -15.77
CA ASP A 179 -23.70 -7.62 -15.81
C ASP A 179 -22.29 -7.43 -15.27
N ASP A 180 -21.52 -8.53 -15.25
CA ASP A 180 -20.17 -8.48 -14.70
C ASP A 180 -19.28 -7.51 -15.47
N SER A 181 -19.47 -7.39 -16.78
CA SER A 181 -18.64 -6.47 -17.56
C SER A 181 -18.89 -5.02 -17.15
N ASP A 182 -20.13 -4.69 -16.78
CA ASP A 182 -20.42 -3.35 -16.30
C ASP A 182 -19.85 -3.15 -14.90
N LEU A 183 -20.05 -4.13 -14.01
CA LEU A 183 -19.63 -3.97 -12.62
C LEU A 183 -18.13 -3.75 -12.51
N ALA A 184 -17.34 -4.39 -13.38
CA ALA A 184 -15.89 -4.22 -13.33
C ALA A 184 -15.51 -2.76 -13.49
N LEU A 185 -16.07 -2.09 -14.49
CA LEU A 185 -15.79 -0.66 -14.65
C LEU A 185 -16.43 0.17 -13.55
N PHE A 186 -17.65 -0.19 -13.16
CA PHE A 186 -18.33 0.55 -12.09
C PHE A 186 -17.53 0.49 -10.79
N ILE A 187 -17.00 -0.69 -10.46
CA ILE A 187 -16.20 -0.83 -9.25
C ILE A 187 -14.88 -0.07 -9.39
N ALA A 188 -14.27 -0.11 -10.57
CA ALA A 188 -13.01 0.60 -10.77
C ALA A 188 -13.19 2.10 -10.59
N ALA A 189 -14.35 2.64 -11.02
CA ALA A 189 -14.60 4.06 -10.84
C ALA A 189 -14.87 4.40 -9.39
N ILE A 190 -15.44 3.47 -8.62
CA ILE A 190 -15.69 3.71 -7.21
C ILE A 190 -14.37 3.87 -6.45
N ILE A 191 -13.39 3.01 -6.77
CA ILE A 191 -12.13 3.01 -6.02
C ILE A 191 -11.29 4.24 -6.40
N LEU A 192 -11.19 4.56 -7.68
CA LEU A 192 -10.36 5.67 -8.14
C LEU A 192 -11.17 6.97 -8.09
N CYS A 193 -11.45 7.39 -6.86
CA CYS A 193 -12.23 8.58 -6.59
C CYS A 193 -11.29 9.71 -6.16
N GLY A 194 -11.36 10.84 -6.84
CA GLY A 194 -10.39 11.91 -6.64
C GLY A 194 -10.59 12.71 -5.37
N ASP A 195 -11.80 12.76 -4.82
CA ASP A 195 -12.09 13.59 -3.67
C ASP A 195 -12.04 12.81 -2.35
N ARG A 196 -11.18 11.79 -2.27
CA ARG A 196 -11.03 11.12 -0.98
C ARG A 196 -10.12 11.95 -0.06
N PRO A 197 -10.44 12.02 1.22
CA PRO A 197 -9.63 12.84 2.13
C PRO A 197 -8.20 12.33 2.20
N GLY A 198 -7.26 13.27 2.17
CA GLY A 198 -5.86 12.95 2.37
C GLY A 198 -5.11 12.44 1.15
N LEU A 199 -5.69 12.56 -0.05
CA LEU A 199 -4.98 12.14 -1.25
C LEU A 199 -3.84 13.09 -1.57
N MET A 200 -2.67 12.53 -1.89
CA MET A 200 -1.54 13.36 -2.29
C MET A 200 -1.71 13.89 -3.71
N ASN A 201 -1.91 13.00 -4.68
CA ASN A 201 -1.92 13.37 -6.08
C ASN A 201 -3.35 13.33 -6.61
N VAL A 202 -4.12 14.35 -6.18
CA VAL A 202 -5.51 14.46 -6.62
C VAL A 202 -5.63 14.54 -8.14
N PRO A 203 -4.88 15.39 -8.84
CA PRO A 203 -5.05 15.44 -10.30
C PRO A 203 -4.81 14.10 -10.98
N ARG A 204 -3.82 13.34 -10.51
CA ARG A 204 -3.52 12.04 -11.13
C ARG A 204 -4.71 11.09 -10.99
N VAL A 205 -5.25 10.98 -9.77
CA VAL A 205 -6.39 10.08 -9.55
C VAL A 205 -7.58 10.52 -10.38
N GLU A 206 -7.89 11.81 -10.37
CA GLU A 206 -9.04 12.30 -11.14
C GLU A 206 -8.86 11.99 -12.62
N ALA A 207 -7.62 12.07 -13.12
CA ALA A 207 -7.37 11.73 -14.52
C ALA A 207 -7.66 10.26 -14.78
N ILE A 208 -7.26 9.37 -13.86
CA ILE A 208 -7.54 7.96 -14.03
C ILE A 208 -9.05 7.71 -13.98
N GLN A 209 -9.74 8.34 -13.03
CA GLN A 209 -11.18 8.14 -12.92
C GLN A 209 -11.89 8.58 -14.19
N ASP A 210 -11.47 9.70 -14.78
CA ASP A 210 -12.14 10.20 -15.97
C ASP A 210 -12.01 9.20 -17.12
N THR A 211 -10.85 8.56 -17.26
CA THR A 211 -10.69 7.51 -18.26
C THR A 211 -11.64 6.36 -17.98
N ILE A 212 -11.69 5.89 -16.73
CA ILE A 212 -12.59 4.79 -16.37
C ILE A 212 -14.03 5.17 -16.70
N LEU A 213 -14.44 6.37 -16.30
CA LEU A 213 -15.82 6.80 -16.53
C LEU A 213 -16.12 6.87 -18.02
N ARG A 214 -15.18 7.39 -18.82
CA ARG A 214 -15.38 7.39 -20.27
C ARG A 214 -15.49 5.96 -20.80
N ALA A 215 -14.69 5.04 -20.27
CA ALA A 215 -14.82 3.64 -20.64
C ALA A 215 -16.17 3.08 -20.23
N LEU A 216 -16.68 3.50 -19.07
CA LEU A 216 -17.96 3.00 -18.60
C LEU A 216 -19.08 3.38 -19.55
N GLU A 217 -19.23 4.68 -19.82
CA GLU A 217 -20.26 5.12 -20.76
C GLU A 217 -20.08 4.45 -22.11
N PHE A 218 -18.83 4.41 -22.60
CA PHE A 218 -18.55 3.71 -23.85
C PHE A 218 -19.02 2.26 -23.80
N HIS A 219 -18.69 1.56 -22.70
CA HIS A 219 -19.08 0.16 -22.59
C HIS A 219 -20.59 0.02 -22.47
N LEU A 220 -21.25 0.94 -21.76
CA LEU A 220 -22.70 0.85 -21.62
C LEU A 220 -23.40 1.07 -22.95
N GLN A 221 -22.92 2.01 -23.76
CA GLN A 221 -23.53 2.24 -25.07
C GLN A 221 -23.59 0.96 -25.89
N ALA A 222 -22.52 0.17 -25.85
CA ALA A 222 -22.47 -1.05 -26.64
C ALA A 222 -23.23 -2.18 -25.97
N ASN A 223 -23.11 -2.31 -24.65
CA ASN A 223 -23.70 -3.45 -23.96
C ASN A 223 -25.18 -3.25 -23.65
N HIS A 224 -25.63 -2.00 -23.50
CA HIS A 224 -27.03 -1.69 -23.21
C HIS A 224 -27.51 -0.62 -24.19
N PRO A 225 -27.69 -0.99 -25.46
CA PRO A 225 -28.10 0.02 -26.46
C PRO A 225 -29.42 0.69 -26.12
N ASP A 226 -30.40 -0.07 -25.66
CA ASP A 226 -31.74 0.45 -25.39
C ASP A 226 -31.86 1.10 -24.02
N ALA A 227 -30.75 1.30 -23.31
CA ALA A 227 -30.79 1.79 -21.94
C ALA A 227 -30.92 3.30 -21.93
N GLN A 228 -31.96 3.81 -21.27
CA GLN A 228 -32.19 5.24 -21.15
C GLN A 228 -31.56 5.75 -19.86
N TYR A 229 -30.59 6.66 -19.99
CA TYR A 229 -30.01 7.34 -18.84
C TYR A 229 -29.26 6.39 -17.91
N LEU A 230 -28.76 5.28 -18.45
CA LEU A 230 -28.09 4.30 -17.61
C LEU A 230 -26.80 4.85 -17.02
N PHE A 231 -26.03 5.57 -17.83
CA PHE A 231 -24.76 6.13 -17.34
C PHE A 231 -24.99 7.17 -16.26
N PRO A 232 -25.84 8.18 -16.42
CA PRO A 232 -26.09 9.12 -15.33
C PRO A 232 -26.72 8.46 -14.12
N LYS A 233 -27.56 7.44 -14.30
CA LYS A 233 -28.13 6.75 -13.17
C LYS A 233 -27.05 6.07 -12.33
N LEU A 234 -26.03 5.51 -12.98
CA LEU A 234 -24.93 4.89 -12.24
C LEU A 234 -24.13 5.94 -11.47
N LEU A 235 -23.95 7.13 -12.05
CA LEU A 235 -23.27 8.20 -11.32
C LEU A 235 -24.07 8.61 -10.08
N GLN A 236 -25.40 8.57 -10.17
CA GLN A 236 -26.21 8.81 -8.97
C GLN A 236 -26.07 7.65 -8.00
N LYS A 237 -25.99 6.41 -8.52
CA LYS A 237 -25.79 5.26 -7.65
C LYS A 237 -24.49 5.40 -6.86
N MET A 238 -23.44 5.92 -7.48
CA MET A 238 -22.18 6.12 -6.77
C MET A 238 -22.35 7.06 -5.59
N ALA A 239 -23.13 8.13 -5.77
CA ALA A 239 -23.41 9.04 -4.67
C ALA A 239 -24.24 8.35 -3.59
N ASP A 240 -25.22 7.54 -3.99
CA ASP A 240 -25.99 6.76 -3.04
C ASP A 240 -25.07 5.89 -2.18
N LEU A 241 -24.11 5.21 -2.82
CA LEU A 241 -23.23 4.31 -2.09
C LEU A 241 -22.39 5.05 -1.06
N ARG A 242 -22.04 6.31 -1.32
CA ARG A 242 -21.26 7.06 -0.34
C ARG A 242 -22.11 7.38 0.89
N GLN A 243 -23.40 7.65 0.70
CA GLN A 243 -24.29 7.85 1.84
C GLN A 243 -24.53 6.55 2.59
N LEU A 244 -24.65 5.43 1.86
CA LEU A 244 -24.83 4.15 2.50
C LEU A 244 -23.65 3.80 3.40
N VAL A 245 -22.43 4.04 2.92
CA VAL A 245 -21.24 3.73 3.71
C VAL A 245 -21.15 4.63 4.93
N THR A 246 -21.50 5.91 4.78
CA THR A 246 -21.48 6.83 5.91
C THR A 246 -22.37 6.34 7.04
N GLU A 247 -23.60 5.94 6.70
CA GLU A 247 -24.50 5.39 7.71
C GLU A 247 -24.01 4.05 8.23
N HIS A 248 -23.36 3.26 7.36
CA HIS A 248 -22.81 1.99 7.81
C HIS A 248 -21.65 2.19 8.78
N ALA A 249 -20.81 3.20 8.52
CA ALA A 249 -19.70 3.47 9.43
C ALA A 249 -20.20 3.92 10.79
N GLN A 250 -21.32 4.64 10.83
CA GLN A 250 -21.88 5.05 12.12
C GLN A 250 -22.41 3.84 12.89
N MET A 251 -23.13 2.95 12.21
CA MET A 251 -23.58 1.73 12.87
C MET A 251 -22.42 0.97 13.50
N MET A 252 -21.32 0.84 12.76
CA MET A 252 -20.18 0.09 13.27
C MET A 252 -19.49 0.81 14.43
N GLN A 253 -19.50 2.15 14.41
CA GLN A 253 -18.93 2.89 15.53
C GLN A 253 -19.80 2.76 16.77
N ARG A 254 -21.12 2.74 16.60
CA ARG A 254 -22.01 2.55 17.74
C ARG A 254 -21.87 1.14 18.31
N ILE A 255 -21.68 0.14 17.44
CA ILE A 255 -21.46 -1.22 17.91
C ILE A 255 -20.14 -1.30 18.67
N LYS A 256 -19.14 -0.52 18.27
CA LYS A 256 -17.86 -0.51 18.98
C LYS A 256 -18.02 0.03 20.40
N LYS A 257 -18.95 0.95 20.61
CA LYS A 257 -19.18 1.61 21.90
C LYS A 257 -20.11 0.81 22.81
N THR A 258 -21.14 0.18 22.25
CA THR A 258 -22.15 -0.48 23.06
C THR A 258 -22.03 -1.99 23.08
N GLU A 259 -21.38 -2.60 22.09
CA GLU A 259 -21.21 -4.05 22.06
C GLU A 259 -19.76 -4.41 22.36
N THR A 260 -19.24 -3.96 23.51
CA THR A 260 -17.83 -4.13 23.83
C THR A 260 -17.40 -5.59 23.78
N GLU A 261 -18.33 -6.54 23.87
CA GLU A 261 -17.96 -7.95 23.83
C GLU A 261 -17.80 -8.49 22.41
N THR A 262 -18.22 -7.72 21.40
CA THR A 262 -18.11 -8.15 20.01
C THR A 262 -16.74 -7.75 19.45
N SER A 263 -16.05 -8.73 18.86
CA SER A 263 -14.71 -8.50 18.35
C SER A 263 -14.77 -7.89 16.96
N LEU A 264 -14.18 -6.70 16.82
CA LEU A 264 -14.12 -6.01 15.53
C LEU A 264 -12.76 -6.26 14.89
N HIS A 265 -12.78 -6.58 13.61
CA HIS A 265 -11.53 -6.90 12.90
C HIS A 265 -10.66 -5.66 12.83
N PRO A 266 -9.36 -5.76 13.15
CA PRO A 266 -8.50 -4.57 13.15
C PRO A 266 -8.47 -3.86 11.81
N LEU A 267 -8.55 -4.60 10.70
CA LEU A 267 -8.52 -3.97 9.39
C LEU A 267 -9.73 -3.07 9.19
N LEU A 268 -10.92 -3.56 9.55
CA LEU A 268 -12.11 -2.74 9.44
C LEU A 268 -12.08 -1.57 10.43
N GLN A 269 -11.39 -1.75 11.55
CA GLN A 269 -11.25 -0.65 12.51
C GLN A 269 -10.45 0.50 11.92
N GLU A 270 -9.33 0.18 11.25
CA GLU A 270 -8.54 1.23 10.60
C GLU A 270 -9.36 1.94 9.53
N ILE A 271 -10.16 1.19 8.76
CA ILE A 271 -10.97 1.81 7.71
C ILE A 271 -11.93 2.84 8.31
N TYR A 272 -12.61 2.46 9.39
CA TYR A 272 -13.58 3.34 10.03
C TYR A 272 -12.94 4.38 10.94
N LYS A 273 -11.62 4.33 11.12
CA LYS A 273 -10.97 5.14 12.16
C LYS A 273 -11.38 6.60 12.08
N ASP A 274 -11.24 7.22 10.91
CA ASP A 274 -11.54 8.63 10.72
C ASP A 274 -12.63 8.75 9.65
N MET A 275 -13.86 8.45 10.04
CA MET A 275 -15.00 8.58 9.14
C MET A 275 -16.15 9.34 9.79
N ALA B 8 20.65 -24.09 2.90
CA ALA B 8 19.39 -24.82 2.90
C ALA B 8 18.26 -23.96 3.47
N ASP B 9 17.27 -23.65 2.63
CA ASP B 9 16.17 -22.77 3.01
C ASP B 9 16.67 -21.35 3.17
N LEU B 10 17.54 -21.12 4.15
CA LEU B 10 18.09 -19.78 4.36
C LEU B 10 18.93 -19.34 3.17
N LYS B 11 19.71 -20.25 2.59
CA LYS B 11 20.53 -19.90 1.44
C LYS B 11 19.68 -19.49 0.25
N ALA B 12 18.60 -20.23 -0.01
CA ALA B 12 17.67 -19.82 -1.06
C ALA B 12 16.98 -18.52 -0.71
N PHE B 13 16.63 -18.33 0.57
CA PHE B 13 16.01 -17.08 0.99
C PHE B 13 16.95 -15.90 0.74
N SER B 14 18.24 -16.07 1.02
CA SER B 14 19.20 -15.00 0.77
C SER B 14 19.32 -14.69 -0.72
N LYS B 15 19.19 -15.70 -1.57
CA LYS B 15 19.38 -15.48 -2.99
C LYS B 15 18.23 -14.70 -3.61
N HIS B 16 16.99 -15.00 -3.20
CA HIS B 16 15.84 -14.27 -3.75
C HIS B 16 15.89 -12.80 -3.39
N ILE B 17 16.16 -12.49 -2.12
CA ILE B 17 16.24 -11.09 -1.71
C ILE B 17 17.34 -10.37 -2.48
N TYR B 18 18.49 -11.02 -2.65
CA TYR B 18 19.55 -10.43 -3.46
C TYR B 18 19.07 -10.14 -4.88
N ASN B 19 18.33 -11.09 -5.47
CA ASN B 19 17.81 -10.88 -6.82
C ASN B 19 16.84 -9.71 -6.85
N ALA B 20 15.99 -9.58 -5.83
CA ALA B 20 15.11 -8.43 -5.74
C ALA B 20 15.90 -7.13 -5.60
N TYR B 21 17.01 -7.18 -4.87
CA TYR B 21 17.90 -6.03 -4.75
C TYR B 21 18.48 -5.65 -6.09
N LEU B 22 19.07 -6.62 -6.81
CA LEU B 22 19.71 -6.33 -8.09
C LEU B 22 18.72 -5.83 -9.12
N LYS B 23 17.45 -6.19 -8.97
CA LYS B 23 16.43 -5.83 -9.96
C LYS B 23 15.85 -4.44 -9.76
N ASN B 24 15.89 -3.91 -8.53
CA ASN B 24 15.12 -2.72 -8.20
C ASN B 24 15.96 -1.47 -7.94
N PHE B 25 17.28 -1.59 -7.76
CA PHE B 25 18.12 -0.45 -7.43
C PHE B 25 19.01 -0.11 -8.61
N ASN B 26 19.05 1.18 -8.98
CA ASN B 26 19.81 1.60 -10.14
C ASN B 26 21.31 1.66 -9.85
N MET B 27 21.68 1.86 -8.58
CA MET B 27 23.09 1.95 -8.17
C MET B 27 23.37 0.88 -7.14
N THR B 28 24.33 0.02 -7.44
CA THR B 28 24.82 -0.97 -6.49
C THR B 28 26.17 -0.53 -5.92
N LYS B 29 26.48 -1.04 -4.73
CA LYS B 29 27.78 -0.73 -4.15
C LYS B 29 28.91 -1.24 -5.04
N LYS B 30 28.70 -2.35 -5.75
CA LYS B 30 29.69 -2.84 -6.69
C LYS B 30 29.98 -1.80 -7.77
N LYS B 31 28.92 -1.37 -8.47
CA LYS B 31 29.09 -0.33 -9.48
C LYS B 31 29.63 0.95 -8.85
N ALA B 32 29.05 1.37 -7.72
CA ALA B 32 29.47 2.61 -7.08
C ALA B 32 30.95 2.57 -6.71
N ARG B 33 31.38 1.52 -6.03
CA ARG B 33 32.77 1.43 -5.60
C ARG B 33 33.74 1.31 -6.76
N SER B 34 33.30 0.80 -7.91
CA SER B 34 34.18 0.75 -9.07
C SER B 34 34.41 2.14 -9.65
N ILE B 35 33.37 2.96 -9.65
CA ILE B 35 33.52 4.32 -10.17
C ILE B 35 34.44 5.13 -9.28
N LEU B 36 34.28 5.02 -7.95
CA LEU B 36 35.08 5.79 -7.01
C LEU B 36 36.54 5.35 -6.97
N THR B 37 36.90 4.27 -7.66
CA THR B 37 38.27 3.77 -7.65
C THR B 37 39.00 3.91 -8.97
N GLY B 38 38.28 3.97 -10.09
CA GLY B 38 38.90 4.12 -11.39
C GLY B 38 38.47 3.10 -12.42
N ALA B 44 35.13 8.80 -16.09
CA ALA B 44 35.42 9.43 -14.81
C ALA B 44 34.33 10.44 -14.44
N PRO B 45 33.97 10.50 -13.16
CA PRO B 45 32.90 11.39 -12.74
C PRO B 45 33.34 12.84 -12.72
N PHE B 46 32.47 13.71 -13.24
CA PHE B 46 32.73 15.15 -13.20
C PHE B 46 32.62 15.64 -11.76
N VAL B 47 33.69 16.27 -11.28
CA VAL B 47 33.78 16.68 -9.88
C VAL B 47 33.08 18.04 -9.71
N ILE B 48 32.00 18.05 -8.95
CA ILE B 48 31.29 19.28 -8.60
C ILE B 48 31.83 19.75 -7.26
N HIS B 49 32.56 20.87 -7.27
CA HIS B 49 33.22 21.34 -6.06
C HIS B 49 33.04 22.83 -5.82
N ASP B 50 32.33 23.54 -6.68
CA ASP B 50 32.05 24.96 -6.47
C ASP B 50 30.89 25.36 -7.39
N ILE B 51 30.51 26.63 -7.32
CA ILE B 51 29.38 27.11 -8.11
C ILE B 51 29.64 26.87 -9.59
N GLU B 52 30.85 27.18 -10.06
CA GLU B 52 31.13 27.09 -11.49
C GLU B 52 30.97 25.67 -12.00
N THR B 53 31.53 24.68 -11.28
CA THR B 53 31.40 23.29 -11.69
C THR B 53 29.97 22.79 -11.53
N LEU B 54 29.26 23.23 -10.50
CA LEU B 54 27.85 22.85 -10.34
C LEU B 54 27.03 23.28 -11.54
N TRP B 55 27.28 24.48 -12.07
CA TRP B 55 26.52 24.95 -13.22
C TRP B 55 26.88 24.15 -14.47
N GLN B 56 28.17 23.85 -14.65
CA GLN B 56 28.58 23.03 -15.79
C GLN B 56 27.94 21.66 -15.74
N ALA B 57 27.86 21.05 -14.55
CA ALA B 57 27.18 19.77 -14.42
C ALA B 57 25.73 19.88 -14.87
N GLU B 58 25.04 20.92 -14.42
CA GLU B 58 23.64 21.10 -14.83
C GLU B 58 23.51 21.29 -16.34
N LYS B 59 24.57 21.78 -16.99
CA LYS B 59 24.58 21.97 -18.44
C LYS B 59 25.01 20.67 -19.10
N GLY B 60 24.08 19.72 -19.16
CA GLY B 60 24.29 18.48 -19.88
C GLY B 60 25.37 17.56 -19.34
N LEU B 61 26.48 18.14 -18.86
CA LEU B 61 27.62 17.33 -18.44
C LEU B 61 27.26 16.28 -17.39
N VAL B 62 26.14 16.44 -16.69
CA VAL B 62 25.76 15.48 -15.66
C VAL B 62 24.25 15.30 -15.64
N TRP B 63 23.51 16.40 -15.61
CA TRP B 63 22.05 16.34 -15.63
C TRP B 63 21.49 16.97 -16.91
N LEU B 70 12.03 19.62 -11.31
CA LEU B 70 12.46 20.37 -10.13
C LEU B 70 11.61 21.61 -9.90
N PRO B 71 11.43 21.99 -8.64
CA PRO B 71 10.74 23.24 -8.32
C PRO B 71 11.50 24.43 -8.88
N PRO B 72 10.86 25.59 -8.98
CA PRO B 72 11.55 26.76 -9.52
C PRO B 72 12.83 27.06 -8.75
N TYR B 73 13.84 27.52 -9.48
CA TYR B 73 15.13 27.82 -8.87
C TYR B 73 14.96 28.88 -7.79
N LYS B 74 15.80 28.76 -6.75
CA LYS B 74 15.77 29.72 -5.65
C LYS B 74 17.16 30.27 -5.38
N GLU B 75 18.10 29.39 -5.03
CA GLU B 75 19.47 29.78 -4.76
C GLU B 75 20.34 28.54 -4.88
N ILE B 76 21.64 28.73 -4.65
CA ILE B 76 22.58 27.63 -4.85
C ILE B 76 22.31 26.50 -3.87
N SER B 77 22.11 26.84 -2.60
CA SER B 77 21.93 25.81 -1.58
C SER B 77 20.60 25.07 -1.75
N VAL B 78 19.55 25.79 -2.13
CA VAL B 78 18.24 25.16 -2.29
C VAL B 78 18.23 24.29 -3.54
N HIS B 79 19.03 24.63 -4.55
CA HIS B 79 19.11 23.78 -5.73
C HIS B 79 19.74 22.44 -5.40
N VAL B 80 20.81 22.44 -4.61
CA VAL B 80 21.40 21.19 -4.14
C VAL B 80 20.37 20.40 -3.34
N PHE B 81 19.63 21.08 -2.46
CA PHE B 81 18.58 20.41 -1.70
C PHE B 81 17.57 19.74 -2.63
N TYR B 82 17.10 20.48 -3.64
CA TYR B 82 16.12 19.91 -4.57
C TYR B 82 16.67 18.69 -5.28
N ARG B 83 17.97 18.68 -5.58
CA ARG B 83 18.55 17.52 -6.26
C ARG B 83 18.61 16.31 -5.33
N CYS B 84 19.03 16.52 -4.07
CA CYS B 84 19.05 15.42 -3.13
C CYS B 84 17.64 14.94 -2.80
N GLN B 85 16.67 15.85 -2.75
CA GLN B 85 15.29 15.45 -2.49
C GLN B 85 14.77 14.54 -3.60
N CYS B 86 15.07 14.86 -4.85
CA CYS B 86 14.60 14.03 -5.96
C CYS B 86 15.23 12.63 -5.90
N THR B 87 16.52 12.56 -5.56
CA THR B 87 17.14 11.25 -5.43
C THR B 87 16.55 10.46 -4.28
N THR B 88 16.20 11.15 -3.19
CA THR B 88 15.56 10.47 -2.05
C THR B 88 14.21 9.90 -2.44
N VAL B 89 13.41 10.69 -3.17
CA VAL B 89 12.10 10.21 -3.61
C VAL B 89 12.26 9.02 -4.54
N GLU B 90 13.24 9.08 -5.44
CA GLU B 90 13.48 7.95 -6.35
C GLU B 90 13.95 6.72 -5.57
N THR B 91 14.71 6.91 -4.50
CA THR B 91 15.15 5.77 -3.70
C THR B 91 13.97 5.17 -2.93
N VAL B 92 13.05 6.02 -2.46
CA VAL B 92 11.85 5.51 -1.83
C VAL B 92 11.04 4.68 -2.81
N ARG B 93 11.02 5.09 -4.08
CA ARG B 93 10.35 4.29 -5.11
C ARG B 93 11.02 2.93 -5.28
N GLU B 94 12.35 2.92 -5.35
CA GLU B 94 13.05 1.65 -5.51
C GLU B 94 12.87 0.76 -4.28
N LEU B 95 12.92 1.35 -3.08
CA LEU B 95 12.73 0.55 -1.87
C LEU B 95 11.33 -0.02 -1.80
N THR B 96 10.33 0.73 -2.25
CA THR B 96 8.96 0.20 -2.28
C THR B 96 8.87 -1.01 -3.18
N GLU B 97 9.47 -0.95 -4.37
CA GLU B 97 9.47 -2.10 -5.26
C GLU B 97 10.33 -3.23 -4.71
N PHE B 98 11.43 -2.92 -4.02
CA PHE B 98 12.21 -3.95 -3.38
C PHE B 98 11.40 -4.71 -2.35
N ALA B 99 10.65 -3.98 -1.50
CA ALA B 99 9.84 -4.64 -0.48
C ALA B 99 8.75 -5.51 -1.13
N LYS B 100 8.04 -4.94 -2.11
CA LYS B 100 6.99 -5.70 -2.78
C LYS B 100 7.54 -6.96 -3.46
N SER B 101 8.79 -6.93 -3.90
CA SER B 101 9.40 -8.11 -4.49
C SER B 101 9.73 -9.18 -3.46
N ILE B 102 9.45 -8.93 -2.18
CA ILE B 102 9.63 -9.92 -1.13
C ILE B 102 8.27 -10.56 -0.85
N PRO B 103 8.07 -11.84 -1.15
CA PRO B 103 6.73 -12.43 -1.00
C PRO B 103 6.11 -12.24 0.38
N SER B 104 6.89 -12.43 1.45
CA SER B 104 6.34 -12.27 2.80
C SER B 104 5.85 -10.85 3.03
N PHE B 105 6.56 -9.85 2.49
CA PHE B 105 6.13 -8.46 2.66
C PHE B 105 4.81 -8.20 1.94
N SER B 106 4.65 -8.74 0.73
CA SER B 106 3.43 -8.52 -0.03
C SER B 106 2.22 -9.21 0.57
N SER B 107 2.43 -10.23 1.42
CA SER B 107 1.31 -10.90 2.06
C SER B 107 0.61 -9.99 3.06
N LEU B 108 1.36 -9.05 3.65
CA LEU B 108 0.78 -8.11 4.60
C LEU B 108 -0.24 -7.21 3.92
N PHE B 109 -1.22 -6.74 4.69
CA PHE B 109 -2.19 -5.79 4.17
C PHE B 109 -1.48 -4.52 3.71
N LEU B 110 -2.06 -3.88 2.70
CA LEU B 110 -1.38 -2.76 2.05
C LEU B 110 -1.09 -1.62 3.04
N ASN B 111 -1.90 -1.49 4.09
CA ASN B 111 -1.68 -0.42 5.05
C ASN B 111 -0.49 -0.73 5.97
N ASP B 112 -0.36 -1.98 6.41
CA ASP B 112 0.85 -2.37 7.14
C ASP B 112 2.09 -2.21 6.28
N GLN B 113 1.98 -2.47 4.98
CA GLN B 113 3.11 -2.23 4.08
C GLN B 113 3.52 -0.77 4.08
N VAL B 114 2.54 0.13 3.99
CA VAL B 114 2.85 1.56 4.03
C VAL B 114 3.51 1.94 5.34
N THR B 115 3.06 1.32 6.43
CA THR B 115 3.63 1.64 7.75
C THR B 115 5.10 1.26 7.82
N LEU B 116 5.44 0.06 7.36
CA LEU B 116 6.84 -0.38 7.34
C LEU B 116 7.68 0.57 6.49
N LEU B 117 7.21 0.88 5.27
CA LEU B 117 7.98 1.77 4.40
C LEU B 117 8.12 3.15 5.00
N LYS B 118 7.03 3.68 5.57
CA LYS B 118 7.06 5.03 6.14
C LYS B 118 8.18 5.17 7.16
N TYR B 119 8.27 4.25 8.10
CA TYR B 119 9.26 4.33 9.17
C TYR B 119 10.58 3.65 8.82
N GLY B 120 10.74 3.15 7.59
CA GLY B 120 11.92 2.38 7.25
C GLY B 120 12.78 2.92 6.14
N VAL B 121 12.19 3.66 5.20
CA VAL B 121 12.91 4.05 3.99
C VAL B 121 14.14 4.88 4.34
N HIS B 122 13.99 5.85 5.24
CA HIS B 122 15.13 6.71 5.56
C HIS B 122 16.28 5.91 6.17
N GLU B 123 15.96 4.93 7.02
CA GLU B 123 17.00 4.07 7.56
C GLU B 123 17.73 3.33 6.45
N ALA B 124 16.97 2.73 5.54
CA ALA B 124 17.57 2.02 4.42
C ALA B 124 18.30 2.98 3.48
N ILE B 125 17.74 4.18 3.28
CA ILE B 125 18.34 5.14 2.37
C ILE B 125 19.71 5.57 2.88
N PHE B 126 19.84 5.76 4.19
CA PHE B 126 21.11 6.18 4.75
C PHE B 126 22.11 5.04 4.81
N ALA B 127 21.64 3.80 4.98
CA ALA B 127 22.54 2.67 4.89
C ALA B 127 23.10 2.53 3.49
N MET B 128 22.23 2.57 2.48
CA MET B 128 22.69 2.47 1.10
C MET B 128 23.51 3.68 0.68
N LEU B 129 23.22 4.84 1.26
CA LEU B 129 24.00 6.04 0.95
C LEU B 129 25.49 5.81 1.16
N ALA B 130 25.84 4.95 2.13
CA ALA B 130 27.25 4.66 2.38
C ALA B 130 27.92 4.00 1.18
N SER B 131 27.14 3.42 0.26
CA SER B 131 27.74 2.77 -0.90
C SER B 131 28.28 3.78 -1.90
N ILE B 132 27.64 4.94 -2.03
CA ILE B 132 28.06 5.95 -3.00
C ILE B 132 28.85 7.07 -2.34
N VAL B 133 29.45 6.81 -1.18
CA VAL B 133 30.12 7.84 -0.38
C VAL B 133 31.50 7.35 0.01
N ASN B 134 32.47 8.27 0.01
CA ASN B 134 33.74 8.11 0.70
C ASN B 134 33.96 9.35 1.55
N LYS B 135 35.14 9.43 2.19
CA LYS B 135 35.41 10.53 3.12
C LYS B 135 35.41 11.89 2.41
N ASP B 136 35.55 11.93 1.09
CA ASP B 136 35.72 13.19 0.38
C ASP B 136 34.46 13.69 -0.31
N GLY B 137 33.49 12.82 -0.59
CA GLY B 137 32.29 13.26 -1.28
C GLY B 137 31.39 12.08 -1.60
N LEU B 138 30.44 12.32 -2.49
CA LEU B 138 29.48 11.30 -2.88
C LEU B 138 29.17 11.40 -4.37
N LEU B 139 28.80 10.26 -4.95
CA LEU B 139 28.39 10.23 -6.35
C LEU B 139 27.00 10.85 -6.51
N VAL B 140 26.77 11.43 -7.68
CA VAL B 140 25.46 11.98 -8.03
C VAL B 140 25.17 11.61 -9.48
N ALA B 141 23.89 11.67 -9.84
CA ALA B 141 23.44 11.41 -11.20
C ALA B 141 23.94 10.04 -11.68
N ASN B 142 23.51 9.01 -10.96
CA ASN B 142 23.80 7.63 -11.32
C ASN B 142 25.27 7.43 -11.67
N GLY B 143 26.15 8.04 -10.87
CA GLY B 143 27.58 7.84 -10.99
C GLY B 143 28.28 8.79 -11.92
N SER B 144 27.55 9.55 -12.74
CA SER B 144 28.20 10.43 -13.72
C SER B 144 28.84 11.64 -13.07
N GLY B 145 28.62 11.88 -11.78
CA GLY B 145 29.18 13.03 -11.11
C GLY B 145 29.64 12.68 -9.71
N PHE B 146 30.35 13.64 -9.10
CA PHE B 146 30.88 13.47 -7.75
C PHE B 146 30.92 14.83 -7.11
N VAL B 147 30.12 15.01 -6.06
CA VAL B 147 30.03 16.27 -5.32
C VAL B 147 30.95 16.20 -4.12
N THR B 148 31.72 17.25 -3.90
CA THR B 148 32.73 17.26 -2.86
C THR B 148 32.12 17.49 -1.48
N ARG B 149 32.65 16.78 -0.48
CA ARG B 149 32.19 16.98 0.89
C ARG B 149 32.51 18.39 1.38
N GLU B 150 33.62 18.97 0.91
CA GLU B 150 33.95 20.35 1.23
C GLU B 150 32.91 21.30 0.65
N PHE B 151 32.53 21.10 -0.61
CA PHE B 151 31.54 21.99 -1.23
C PHE B 151 30.23 21.98 -0.47
N LEU B 152 29.73 20.80 -0.13
CA LEU B 152 28.48 20.70 0.62
C LEU B 152 28.58 21.44 1.95
N ARG B 153 29.74 21.35 2.62
CA ARG B 153 29.94 22.09 3.86
C ARG B 153 29.86 23.60 3.66
N SER B 154 30.21 24.08 2.47
CA SER B 154 30.25 25.51 2.21
C SER B 154 28.89 26.11 1.86
N LEU B 155 27.85 25.30 1.79
CA LEU B 155 26.54 25.81 1.45
C LEU B 155 25.95 26.59 2.62
N ARG B 156 24.84 27.27 2.36
CA ARG B 156 24.16 28.04 3.39
C ARG B 156 23.59 27.12 4.46
N LYS B 157 23.80 27.49 5.72
CA LYS B 157 23.07 26.82 6.78
C LYS B 157 21.58 27.13 6.63
N PRO B 158 20.69 26.18 6.97
CA PRO B 158 20.99 24.90 7.61
C PRO B 158 21.37 23.77 6.65
N PHE B 159 21.40 24.06 5.35
CA PHE B 159 21.63 22.99 4.37
C PHE B 159 22.99 22.35 4.55
N SER B 160 24.00 23.14 4.92
CA SER B 160 25.35 22.60 5.09
C SER B 160 25.49 21.69 6.31
N ASP B 161 24.42 21.44 7.05
CA ASP B 161 24.45 20.55 8.20
C ASP B 161 23.74 19.22 7.98
N ILE B 162 23.00 19.08 6.87
CA ILE B 162 22.15 17.91 6.69
C ILE B 162 23.01 16.65 6.50
N ILE B 163 23.95 16.70 5.57
CA ILE B 163 24.64 15.48 5.15
C ILE B 163 25.85 15.13 6.01
N GLU B 164 26.38 16.08 6.78
CA GLU B 164 27.58 15.79 7.56
C GLU B 164 27.41 14.59 8.47
N PRO B 165 26.30 14.42 9.20
CA PRO B 165 26.15 13.20 10.01
C PRO B 165 26.10 11.94 9.18
N LYS B 166 25.62 12.00 7.94
CA LYS B 166 25.59 10.81 7.10
C LYS B 166 26.99 10.37 6.72
N PHE B 167 27.87 11.31 6.37
CA PHE B 167 29.25 10.95 6.08
C PHE B 167 29.87 10.20 7.25
N GLU B 168 29.75 10.75 8.46
CA GLU B 168 30.39 10.13 9.61
C GLU B 168 29.85 8.72 9.84
N PHE B 169 28.55 8.51 9.65
CA PHE B 169 28.01 7.15 9.71
C PHE B 169 28.58 6.30 8.59
N ALA B 170 28.57 6.82 7.36
CA ALA B 170 28.96 6.01 6.21
C ALA B 170 30.40 5.54 6.33
N VAL B 171 31.33 6.45 6.65
CA VAL B 171 32.74 6.06 6.71
C VAL B 171 32.95 4.93 7.70
N LYS B 172 32.26 4.97 8.85
CA LYS B 172 32.37 3.88 9.81
C LYS B 172 31.58 2.65 9.37
N PHE B 173 30.52 2.85 8.59
CA PHE B 173 29.75 1.71 8.10
C PHE B 173 30.48 0.98 6.98
N ASN B 174 31.17 1.73 6.11
CA ASN B 174 31.90 1.11 5.01
C ASN B 174 33.11 0.32 5.50
N ALA B 175 33.58 0.57 6.71
CA ALA B 175 34.69 -0.20 7.26
C ALA B 175 34.34 -1.68 7.38
N LEU B 176 33.06 -2.00 7.57
CA LEU B 176 32.65 -3.40 7.63
C LEU B 176 32.78 -4.11 6.29
N GLU B 177 32.88 -3.35 5.19
CA GLU B 177 33.11 -3.92 3.86
C GLU B 177 32.02 -4.92 3.48
N LEU B 178 30.76 -4.53 3.67
CA LEU B 178 29.66 -5.32 3.17
C LEU B 178 29.57 -5.20 1.65
N ASP B 179 29.09 -6.26 1.01
CA ASP B 179 28.82 -6.24 -0.42
C ASP B 179 27.30 -6.16 -0.65
N ASP B 180 26.92 -6.11 -1.92
CA ASP B 180 25.51 -5.97 -2.26
C ASP B 180 24.68 -7.11 -1.68
N SER B 181 25.19 -8.34 -1.74
CA SER B 181 24.45 -9.47 -1.21
C SER B 181 24.16 -9.30 0.28
N ASP B 182 25.13 -8.76 1.03
CA ASP B 182 24.88 -8.45 2.43
C ASP B 182 23.83 -7.37 2.57
N LEU B 183 23.98 -6.28 1.79
CA LEU B 183 23.09 -5.13 1.95
C LEU B 183 21.64 -5.50 1.67
N ALA B 184 21.41 -6.38 0.68
CA ALA B 184 20.05 -6.80 0.37
C ALA B 184 19.35 -7.36 1.60
N LEU B 185 20.02 -8.25 2.32
CA LEU B 185 19.44 -8.78 3.55
C LEU B 185 19.38 -7.72 4.63
N PHE B 186 20.44 -6.93 4.78
CA PHE B 186 20.45 -5.85 5.76
C PHE B 186 19.29 -4.89 5.52
N ILE B 187 19.05 -4.52 4.26
CA ILE B 187 17.97 -3.60 3.96
C ILE B 187 16.62 -4.24 4.25
N ALA B 188 16.46 -5.52 3.88
CA ALA B 188 15.19 -6.20 4.13
C ALA B 188 14.88 -6.27 5.62
N ALA B 189 15.90 -6.47 6.44
CA ALA B 189 15.69 -6.49 7.88
C ALA B 189 15.28 -5.12 8.40
N ILE B 190 15.78 -4.05 7.78
CA ILE B 190 15.40 -2.71 8.20
C ILE B 190 13.91 -2.47 7.93
N ILE B 191 13.45 -2.82 6.73
CA ILE B 191 12.06 -2.58 6.37
C ILE B 191 11.13 -3.39 7.26
N LEU B 192 11.40 -4.69 7.39
CA LEU B 192 10.54 -5.60 8.16
C LEU B 192 10.88 -5.48 9.64
N CYS B 193 10.47 -4.35 10.21
CA CYS B 193 10.72 -4.03 11.62
C CYS B 193 9.41 -4.16 12.36
N GLY B 194 9.42 -4.97 13.43
CA GLY B 194 8.18 -5.33 14.09
C GLY B 194 7.64 -4.31 15.07
N ASP B 195 8.44 -3.33 15.46
CA ASP B 195 8.05 -2.34 16.46
C ASP B 195 7.83 -0.97 15.85
N ARG B 196 7.27 -0.93 14.63
CA ARG B 196 6.93 0.37 14.06
C ARG B 196 5.56 0.81 14.57
N PRO B 197 5.41 2.10 14.89
CA PRO B 197 4.12 2.57 15.43
C PRO B 197 2.99 2.31 14.46
N GLY B 198 1.86 1.85 14.99
CA GLY B 198 0.67 1.65 14.19
C GLY B 198 0.64 0.36 13.39
N LEU B 199 1.59 -0.54 13.60
CA LEU B 199 1.55 -1.81 12.90
C LEU B 199 0.33 -2.61 13.33
N MET B 200 -0.38 -3.18 12.36
CA MET B 200 -1.57 -3.98 12.66
C MET B 200 -1.17 -5.38 13.13
N ASN B 201 -0.43 -6.12 12.30
CA ASN B 201 -0.10 -7.51 12.58
C ASN B 201 1.37 -7.58 13.00
N VAL B 202 1.60 -7.17 14.25
CA VAL B 202 2.97 -7.16 14.79
C VAL B 202 3.58 -8.56 14.80
N PRO B 203 2.93 -9.59 15.34
CA PRO B 203 3.56 -10.91 15.34
C PRO B 203 3.99 -11.38 13.96
N ARG B 204 3.17 -11.14 12.94
CA ARG B 204 3.53 -11.56 11.58
C ARG B 204 4.83 -10.88 11.13
N VAL B 205 4.91 -9.56 11.32
CA VAL B 205 6.11 -8.83 10.91
C VAL B 205 7.32 -9.33 11.68
N GLU B 206 7.19 -9.46 13.01
CA GLU B 206 8.29 -9.99 13.81
C GLU B 206 8.72 -11.36 13.28
N ALA B 207 7.77 -12.18 12.85
CA ALA B 207 8.13 -13.48 12.31
C ALA B 207 8.97 -13.34 11.05
N ILE B 208 8.56 -12.46 10.14
CA ILE B 208 9.32 -12.27 8.90
C ILE B 208 10.70 -11.71 9.20
N GLN B 209 10.79 -10.75 10.14
CA GLN B 209 12.08 -10.19 10.48
C GLN B 209 13.03 -11.27 11.00
N ASP B 210 12.55 -12.09 11.94
CA ASP B 210 13.41 -13.11 12.53
C ASP B 210 13.99 -14.03 11.47
N THR B 211 13.17 -14.42 10.50
CA THR B 211 13.67 -15.22 9.38
C THR B 211 14.75 -14.47 8.62
N ILE B 212 14.51 -13.20 8.31
CA ILE B 212 15.50 -12.40 7.59
C ILE B 212 16.80 -12.32 8.37
N LEU B 213 16.69 -12.03 9.67
CA LEU B 213 17.88 -11.94 10.51
C LEU B 213 18.62 -13.28 10.56
N ARG B 214 17.89 -14.39 10.56
CA ARG B 214 18.54 -15.70 10.50
C ARG B 214 19.30 -15.86 9.19
N ALA B 215 18.65 -15.55 8.07
CA ALA B 215 19.34 -15.59 6.78
C ALA B 215 20.54 -14.66 6.78
N LEU B 216 20.43 -13.52 7.46
CA LEU B 216 21.54 -12.55 7.47
C LEU B 216 22.78 -13.15 8.12
N GLU B 217 22.63 -13.70 9.32
CA GLU B 217 23.79 -14.27 10.01
C GLU B 217 24.34 -15.48 9.26
N PHE B 218 23.45 -16.32 8.73
CA PHE B 218 23.93 -17.45 7.92
C PHE B 218 24.67 -16.97 6.69
N HIS B 219 24.20 -15.89 6.07
CA HIS B 219 24.87 -15.38 4.88
C HIS B 219 26.20 -14.73 5.24
N LEU B 220 26.24 -14.01 6.36
CA LEU B 220 27.50 -13.40 6.79
C LEU B 220 28.55 -14.46 7.09
N GLN B 221 28.16 -15.55 7.76
CA GLN B 221 29.10 -16.61 8.06
C GLN B 221 29.71 -17.19 6.80
N ALA B 222 28.90 -17.41 5.76
CA ALA B 222 29.41 -17.98 4.52
C ALA B 222 30.22 -16.96 3.73
N ASN B 223 29.71 -15.73 3.62
CA ASN B 223 30.36 -14.73 2.79
C ASN B 223 31.51 -14.02 3.50
N HIS B 224 31.53 -14.01 4.83
CA HIS B 224 32.58 -13.37 5.61
C HIS B 224 33.02 -14.31 6.72
N PRO B 225 33.76 -15.37 6.38
CA PRO B 225 34.08 -16.38 7.41
C PRO B 225 34.98 -15.86 8.51
N ASP B 226 35.87 -14.92 8.23
CA ASP B 226 36.82 -14.40 9.20
C ASP B 226 36.34 -13.12 9.87
N ALA B 227 35.11 -12.67 9.59
CA ALA B 227 34.58 -11.43 10.16
C ALA B 227 34.09 -11.72 11.57
N GLN B 228 34.77 -11.15 12.56
CA GLN B 228 34.43 -11.36 13.97
C GLN B 228 33.38 -10.36 14.41
N TYR B 229 32.31 -10.86 15.01
CA TYR B 229 31.25 -10.02 15.58
C TYR B 229 30.49 -9.24 14.52
N LEU B 230 30.54 -9.68 13.26
CA LEU B 230 29.94 -8.90 12.19
C LEU B 230 28.42 -8.84 12.31
N PHE B 231 27.79 -9.95 12.70
CA PHE B 231 26.33 -9.93 12.86
C PHE B 231 25.90 -9.00 13.98
N PRO B 232 26.40 -9.13 15.21
CA PRO B 232 26.01 -8.16 16.24
C PRO B 232 26.37 -6.73 15.90
N LYS B 233 27.44 -6.52 15.14
CA LYS B 233 27.82 -5.16 14.77
C LYS B 233 26.77 -4.54 13.85
N LEU B 234 26.22 -5.32 12.92
CA LEU B 234 25.17 -4.82 12.04
C LEU B 234 23.88 -4.54 12.80
N LEU B 235 23.56 -5.35 13.82
CA LEU B 235 22.40 -5.06 14.64
C LEU B 235 22.57 -3.74 15.37
N GLN B 236 23.78 -3.47 15.85
CA GLN B 236 24.06 -2.15 16.42
C GLN B 236 23.87 -1.06 15.37
N LYS B 237 24.40 -1.27 14.17
CA LYS B 237 24.23 -0.30 13.09
C LYS B 237 22.76 -0.03 12.82
N MET B 238 21.92 -1.07 12.88
CA MET B 238 20.49 -0.86 12.71
C MET B 238 19.94 0.10 13.75
N ALA B 239 20.43 -0.01 14.98
CA ALA B 239 20.01 0.93 16.02
C ALA B 239 20.57 2.31 15.75
N ASP B 240 21.84 2.38 15.31
CA ASP B 240 22.43 3.66 14.96
C ASP B 240 21.63 4.39 13.89
N LEU B 241 21.20 3.67 12.85
CA LEU B 241 20.40 4.28 11.80
C LEU B 241 19.11 4.87 12.34
N ARG B 242 18.55 4.27 13.38
CA ARG B 242 17.32 4.79 13.96
C ARG B 242 17.55 6.15 14.62
N GLN B 243 18.70 6.31 15.29
CA GLN B 243 19.04 7.62 15.86
C GLN B 243 19.36 8.63 14.77
N LEU B 244 20.00 8.19 13.69
CA LEU B 244 20.34 9.10 12.60
C LEU B 244 19.09 9.62 11.91
N VAL B 245 18.05 8.79 11.78
CA VAL B 245 16.82 9.25 11.16
C VAL B 245 16.10 10.24 12.06
N THR B 246 16.14 10.01 13.37
CA THR B 246 15.55 10.96 14.31
C THR B 246 16.20 12.34 14.16
N GLU B 247 17.52 12.38 14.11
CA GLU B 247 18.21 13.65 13.92
C GLU B 247 17.85 14.27 12.57
N HIS B 248 17.72 13.44 11.54
CA HIS B 248 17.37 13.93 10.21
C HIS B 248 15.99 14.55 10.20
N ALA B 249 14.99 13.80 10.69
CA ALA B 249 13.64 14.34 10.77
C ALA B 249 13.61 15.67 11.52
N GLN B 250 14.38 15.76 12.60
CA GLN B 250 14.43 17.03 13.33
C GLN B 250 15.02 18.13 12.47
N MET B 251 16.10 17.84 11.75
CA MET B 251 16.66 18.84 10.83
C MET B 251 15.65 19.24 9.78
N MET B 252 14.96 18.26 9.18
CA MET B 252 13.96 18.60 8.17
C MET B 252 12.83 19.44 8.76
N GLN B 253 12.57 19.32 10.05
CA GLN B 253 11.56 20.16 10.67
C GLN B 253 12.02 21.61 10.73
N ARG B 254 13.29 21.84 11.06
CA ARG B 254 13.79 23.22 11.11
C ARG B 254 13.77 23.87 9.73
N ILE B 255 14.07 23.10 8.68
CA ILE B 255 13.99 23.65 7.33
C ILE B 255 12.55 24.03 7.00
N LYS B 256 11.59 23.17 7.35
CA LYS B 256 10.19 23.50 7.14
C LYS B 256 9.80 24.76 7.90
N LYS B 257 10.42 25.02 9.06
CA LYS B 257 10.01 26.14 9.90
C LYS B 257 10.66 27.45 9.48
N THR B 258 11.95 27.40 9.15
CA THR B 258 12.74 28.59 8.86
C THR B 258 13.06 28.78 7.39
N GLU B 259 12.92 27.75 6.55
CA GLU B 259 13.15 27.94 5.12
C GLU B 259 11.86 27.83 4.32
N THR B 260 10.94 28.77 4.54
CA THR B 260 9.61 28.65 3.96
C THR B 260 9.61 28.70 2.44
N GLU B 261 10.65 29.24 1.82
CA GLU B 261 10.74 29.29 0.37
C GLU B 261 11.16 27.96 -0.25
N THR B 262 11.64 27.01 0.56
CA THR B 262 12.10 25.73 0.04
C THR B 262 10.91 24.76 -0.05
N SER B 263 10.77 24.14 -1.22
CA SER B 263 9.67 23.21 -1.44
C SER B 263 10.00 21.82 -0.90
N LEU B 264 9.11 21.29 -0.08
CA LEU B 264 9.25 19.96 0.50
C LEU B 264 8.35 18.98 -0.24
N HIS B 265 8.95 17.92 -0.78
CA HIS B 265 8.18 16.95 -1.54
C HIS B 265 7.03 16.41 -0.70
N PRO B 266 5.83 16.30 -1.25
CA PRO B 266 4.69 15.84 -0.44
C PRO B 266 4.88 14.44 0.12
N LEU B 267 5.47 13.53 -0.65
CA LEU B 267 5.68 12.17 -0.16
C LEU B 267 6.55 12.18 1.10
N LEU B 268 7.69 12.88 1.04
CA LEU B 268 8.56 12.95 2.21
C LEU B 268 7.88 13.65 3.37
N GLN B 269 7.02 14.63 3.08
CA GLN B 269 6.24 15.26 4.14
C GLN B 269 5.27 14.27 4.79
N GLU B 270 4.70 13.37 3.98
CA GLU B 270 3.85 12.32 4.53
C GLU B 270 4.60 11.47 5.54
N ILE B 271 5.87 11.14 5.24
CA ILE B 271 6.67 10.35 6.16
C ILE B 271 6.96 11.13 7.44
N TYR B 272 7.47 12.35 7.30
CA TYR B 272 7.77 13.17 8.48
C TYR B 272 6.51 13.53 9.27
N LYS B 273 5.35 13.56 8.62
CA LYS B 273 4.11 13.84 9.32
C LYS B 273 3.85 12.79 10.39
N ASP B 274 3.64 13.25 11.62
CA ASP B 274 3.45 12.35 12.76
C ASP B 274 4.53 11.27 12.77
N MET B 275 5.71 11.62 13.28
CA MET B 275 6.82 10.69 13.35
C MET B 275 7.70 11.01 14.55
C2 BJB C . -21.65 -6.75 8.28
C7 BJB C . -25.50 -8.81 10.31
C8 BJB C . -26.13 -8.37 9.04
C9 BJB C . -25.30 -7.64 8.01
C4 BJB C . -23.20 -7.77 9.49
C31 BJB C . -20.28 -6.18 7.88
C32 BJB C . -19.36 -6.22 9.11
C25 BJB C . -20.54 -10.33 1.29
C17 BJB C . -21.31 -8.62 2.94
C19 BJB C . -23.15 -9.91 4.23
C18 BJB C . -22.07 -9.83 3.14
C5 BJB C . -23.78 -7.35 8.29
C6 BJB C . -24.05 -8.53 10.56
N1 BJB C . -22.81 -6.71 7.57
C3 BJB C . -21.90 -7.40 9.48
CL1 BJB C . -26.47 -9.68 11.54
S14 BJB C . -23.00 -6.05 5.98
C15 BJB C . -22.64 -7.44 4.90
C16 BJB C . -21.58 -7.38 3.83
C20 BJB C . -23.43 -8.70 5.11
S24 BJB C . -20.32 -8.87 1.79
N26 BJB C . -21.57 -10.90 2.10
O29 BJB C . -24.31 -5.49 5.73
O30 BJB C . -22.12 -4.91 5.72
C35 BJB C . -17.93 -5.84 8.72
C38 BJB C . -17.81 -4.33 8.59
O41 BJB C . -17.50 -3.62 9.60
O42 BJB C . -18.01 -3.78 7.48
H1 BJB C . -27.03 -8.54 8.87
H2 BJB C . -25.68 -7.37 7.21
H3 BJB C . -19.90 -6.72 7.17
H4 BJB C . -20.39 -5.27 7.59
H5 BJB C . -19.69 -5.61 9.77
H6 BJB C . -19.36 -7.12 9.47
H7 BJB C . -20.08 -10.75 0.60
H8 BJB C . -23.64 -10.69 4.36
H9 BJB C . -23.66 -8.80 11.36
H10 BJB C . -21.29 -7.56 10.16
H11 BJB C . -21.09 -6.61 3.71
H12 BJB C . -24.08 -8.74 5.78
H13 BJB C . -17.32 -6.16 9.41
H14 BJB C . -17.70 -6.25 7.88
C2 BJB D . 18.79 15.50 1.97
C7 BJB D . 22.12 18.89 1.15
C8 BJB D . 23.01 17.79 1.59
C9 BJB D . 22.42 16.46 1.98
C4 BJB D . 20.03 17.27 1.50
C31 BJB D . 17.60 14.57 2.18
C32 BJB D . 16.44 14.91 1.23
C25 BJB D . 21.24 9.56 -2.65
C17 BJB D . 20.89 10.93 -0.61
C19 BJB D . 22.66 12.80 -0.92
C18 BJB D . 21.95 11.52 -1.40
C5 BJB D . 20.87 16.24 1.91
C6 BJB D . 20.63 18.66 1.09
N1 BJB D . 20.10 15.15 2.22
C3 BJB D . 18.76 16.82 1.53
CL1 BJB D . 22.80 20.47 0.67
S14 BJB D . 20.66 13.62 2.76
C15 BJB D . 21.15 12.82 1.21
C16 BJB D . 20.45 11.57 0.73
C20 BJB D . 22.24 13.44 0.39
S24 BJB D . 20.40 9.69 -1.35
N26 BJB D . 22.16 10.65 -2.68
O29 BJB D . 21.75 13.68 3.73
O30 BJB D . 19.65 12.85 3.49
C35 BJB D . 15.35 15.63 2.02
C38 BJB D . 14.59 14.63 2.90
O41 BJB D . 15.03 13.46 3.07
O42 BJB D . 13.53 14.98 3.47
H1 BJB D . 23.93 17.92 1.63
H2 BJB D . 22.97 15.77 2.26
H3 BJB D . 17.87 13.66 2.01
H4 BJB D . 17.29 14.65 3.10
H5 BJB D . 16.77 15.49 0.53
H6 BJB D . 16.08 14.09 0.85
H7 BJB D . 21.15 8.89 -3.28
H8 BJB D . 23.34 13.19 -1.43
H9 BJB D . 20.07 19.35 0.81
H10 BJB D . 18.00 17.30 1.31
H11 BJB D . 19.77 11.19 1.23
H12 BJB D . 22.66 14.22 0.68
H13 BJB D . 15.75 16.31 2.58
H14 BJB D . 14.74 16.05 1.40
#